data_3PY6
#
_entry.id   3PY6
#
_cell.length_a   72.860
_cell.length_b   75.230
_cell.length_c   98.540
_cell.angle_alpha   90.00
_cell.angle_beta   90.00
_cell.angle_gamma   90.00
#
_symmetry.space_group_name_H-M   'C 2 2 21'
#
loop_
_entity.id
_entity.type
_entity.pdbx_description
1 polymer Beta-lactamase-like
2 non-polymer 'MANGANESE (II) ION'
3 non-polymer 'POTASSIUM ION'
4 non-polymer "GUANOSINE-5'-MONOPHOSPHATE"
5 non-polymer 'D(-)-TARTARIC ACID'
6 water water
#
_entity_poly.entity_id   1
_entity_poly.type   'polypeptide(L)'
_entity_poly.pdbx_seq_one_letter_code
;GSMTSPRNCLRFTLLGCGSSPGVPRINGDWGKCDPKNPKNRRRRASLLVERYDAEGNNTVVVIDTGPDFRMQMIDSGVHM
LDAAVYTHPHADHIHGIDDLRTYVVDNGRLMDVYANRLTRNRLYDTFGYCFETPVGSSYPPILSMHDIAPETPFSIEGAG
GAIRFEPFSQVHGDIESLGFRIGSVVYCTDVSAFPEQSLQYIKDADVLIIGALQYRPHPSHFSLGEALEWIEKLSPKRAI
LTHMHVPLDYETVMRETPHHVEPGYDGLRFEVAV
;
_entity_poly.pdbx_strand_id   A
#
# COMPACT_ATOMS: atom_id res chain seq x y z
N SER A 5 -23.47 -3.95 5.32
CA SER A 5 -22.31 -4.75 4.82
C SER A 5 -22.06 -4.52 3.33
N PRO A 6 -20.77 -4.52 2.90
CA PRO A 6 -20.55 -4.32 1.47
C PRO A 6 -20.99 -5.52 0.63
N ARG A 7 -21.39 -5.27 -0.60
CA ARG A 7 -21.79 -6.30 -1.57
C ARG A 7 -21.40 -5.88 -2.99
N ASN A 8 -21.05 -6.88 -3.81
CA ASN A 8 -20.81 -6.69 -5.22
C ASN A 8 -19.88 -5.51 -5.52
N CYS A 9 -18.71 -5.53 -4.90
CA CYS A 9 -17.80 -4.39 -5.04
C CYS A 9 -16.40 -4.78 -4.66
N LEU A 10 -15.45 -3.92 -5.06
CA LEU A 10 -14.16 -3.85 -4.44
C LEU A 10 -14.21 -2.77 -3.38
N ARG A 11 -13.54 -2.98 -2.26
CA ARG A 11 -13.45 -1.98 -1.21
C ARG A 11 -11.99 -1.77 -0.85
N PHE A 12 -11.59 -0.51 -0.79
CA PHE A 12 -10.20 -0.14 -0.54
C PHE A 12 -10.16 0.65 0.74
N THR A 13 -9.19 0.34 1.59
CA THR A 13 -8.98 1.06 2.86
C THR A 13 -7.54 1.51 2.88
N LEU A 14 -7.34 2.82 3.02
CA LEU A 14 -6.02 3.37 3.19
C LEU A 14 -5.58 3.17 4.65
N LEU A 15 -4.88 2.07 4.88
CA LEU A 15 -4.48 1.66 6.24
C LEU A 15 -3.48 2.59 6.87
N GLY A 16 -2.58 3.10 6.03
CA GLY A 16 -1.59 4.07 6.42
C GLY A 16 -1.22 4.94 5.27
N CYS A 17 -0.99 6.23 5.56
CA CYS A 17 -0.65 7.22 4.55
C CYS A 17 0.59 8.07 4.90
N GLY A 18 1.37 7.63 5.88
CA GLY A 18 2.56 8.36 6.30
C GLY A 18 3.84 7.93 5.62
N SER A 19 4.87 8.77 5.82
CA SER A 19 6.27 8.52 5.49
C SER A 19 6.90 7.50 6.45
N SER A 20 8.14 7.12 6.19
CA SER A 20 8.76 6.03 6.96
C SER A 20 8.81 6.19 8.49
N PRO A 21 8.97 7.41 9.03
CA PRO A 21 8.93 7.50 10.51
C PRO A 21 7.53 7.76 11.11
N GLY A 22 6.51 7.82 10.25
CA GLY A 22 5.15 8.12 10.67
C GLY A 22 4.99 9.60 10.96
N VAL A 23 3.75 10.01 11.24
CA VAL A 23 3.48 11.36 11.72
C VAL A 23 2.66 11.23 13.00
N PRO A 24 3.13 11.79 14.12
CA PRO A 24 4.42 12.45 14.32
C PRO A 24 5.57 11.44 14.28
N ARG A 25 6.79 11.92 14.16
CA ARG A 25 7.93 11.03 14.35
C ARG A 25 7.91 10.50 15.81
N ILE A 26 8.72 9.49 16.06
CA ILE A 26 8.79 8.85 17.39
C ILE A 26 9.16 9.84 18.53
N ASN A 27 9.86 10.92 18.18
CA ASN A 27 10.25 11.98 19.11
C ASN A 27 9.19 13.05 19.31
N GLY A 28 7.98 12.81 18.82
CA GLY A 28 6.85 13.73 18.96
C GLY A 28 6.86 14.91 17.97
N ASP A 29 7.72 14.88 16.96
CA ASP A 29 7.77 15.94 15.94
C ASP A 29 6.63 15.81 14.91
N TRP A 30 5.73 16.79 14.94
CA TRP A 30 4.63 16.87 13.98
C TRP A 30 4.98 17.69 12.72
N GLY A 31 6.17 18.29 12.69
CA GLY A 31 6.53 19.12 11.56
C GLY A 31 5.58 20.29 11.43
N LYS A 32 5.02 20.47 10.25
CA LYS A 32 4.04 21.53 10.02
C LYS A 32 2.59 21.06 10.14
N CYS A 33 2.39 19.80 10.58
CA CYS A 33 1.04 19.27 10.70
C CYS A 33 0.39 19.78 11.96
N ASP A 34 -0.90 20.10 11.84
CA ASP A 34 -1.72 20.49 12.99
C ASP A 34 -1.93 19.27 13.88
N PRO A 35 -1.33 19.26 15.10
CA PRO A 35 -1.47 18.07 15.94
C PRO A 35 -2.87 17.81 16.44
N LYS A 36 -3.75 18.82 16.32
CA LYS A 36 -5.13 18.71 16.77
C LYS A 36 -6.04 18.00 15.76
N ASN A 37 -5.59 17.86 14.51
CA ASN A 37 -6.39 17.20 13.49
C ASN A 37 -6.00 15.74 13.45
N PRO A 38 -6.93 14.83 13.84
CA PRO A 38 -6.59 13.42 13.85
C PRO A 38 -6.10 12.87 12.52
N LYS A 39 -6.55 13.48 11.42
CA LYS A 39 -6.12 13.06 10.09
C LYS A 39 -4.63 13.20 9.82
N ASN A 40 -3.94 14.01 10.60
CA ASN A 40 -2.50 14.15 10.51
C ASN A 40 -1.71 13.07 11.24
N ARG A 41 -2.38 12.25 12.06
CA ARG A 41 -1.70 11.15 12.72
C ARG A 41 -1.63 10.03 11.66
N ARG A 42 -0.41 9.69 11.24
CA ARG A 42 -0.19 8.81 10.10
C ARG A 42 0.64 7.58 10.46
N ARG A 43 0.07 6.43 10.17
CA ARG A 43 0.76 5.16 10.22
C ARG A 43 1.50 4.95 8.90
N ARG A 44 2.38 3.96 8.88
CA ARG A 44 3.19 3.67 7.72
C ARG A 44 2.35 3.08 6.57
N ALA A 45 2.84 3.29 5.35
CA ALA A 45 2.00 3.18 4.14
C ALA A 45 1.54 1.77 3.83
N SER A 46 0.24 1.57 3.69
CA SER A 46 -0.33 0.27 3.39
C SER A 46 -1.75 0.44 2.88
N LEU A 47 -2.18 -0.50 2.02
CA LEU A 47 -3.51 -0.46 1.42
C LEU A 47 -4.19 -1.83 1.58
N LEU A 48 -5.43 -1.81 2.05
CA LEU A 48 -6.22 -3.02 2.08
C LEU A 48 -7.13 -3.07 0.84
N VAL A 49 -7.17 -4.26 0.20
CA VAL A 49 -7.93 -4.48 -1.01
C VAL A 49 -8.89 -5.66 -0.77
N GLU A 50 -10.18 -5.42 -0.88
CA GLU A 50 -11.20 -6.45 -0.70
C GLU A 50 -12.12 -6.56 -1.88
N ARG A 51 -12.58 -7.79 -2.14
CA ARG A 51 -13.66 -8.04 -3.08
C ARG A 51 -14.80 -8.72 -2.35
N TYR A 52 -15.98 -8.13 -2.44
CA TYR A 52 -17.22 -8.69 -1.88
C TYR A 52 -18.13 -9.16 -2.97
N ASP A 53 -18.68 -10.36 -2.77
CA ASP A 53 -19.69 -10.90 -3.67
C ASP A 53 -21.12 -10.46 -3.30
N ALA A 54 -22.12 -11.11 -3.91
CA ALA A 54 -23.53 -10.72 -3.67
C ALA A 54 -24.03 -11.04 -2.27
N GLU A 55 -23.38 -12.00 -1.61
CA GLU A 55 -23.76 -12.37 -0.26
C GLU A 55 -22.85 -11.77 0.81
N GLY A 56 -21.90 -10.93 0.42
CA GLY A 56 -21.01 -10.33 1.39
C GLY A 56 -19.82 -11.16 1.80
N ASN A 57 -19.55 -12.24 1.07
CA ASN A 57 -18.30 -13.01 1.27
C ASN A 57 -17.17 -12.15 0.71
N ASN A 58 -16.01 -12.15 1.37
CA ASN A 58 -14.88 -11.33 0.92
C ASN A 58 -13.56 -12.08 0.69
N THR A 59 -12.85 -11.61 -0.32
CA THR A 59 -11.43 -11.90 -0.54
C THR A 59 -10.68 -10.68 -0.04
N VAL A 60 -9.61 -10.89 0.73
CA VAL A 60 -8.93 -9.80 1.44
C VAL A 60 -7.41 -9.91 1.15
N VAL A 61 -6.85 -8.82 0.61
CA VAL A 61 -5.45 -8.77 0.30
C VAL A 61 -4.87 -7.48 0.84
N VAL A 62 -3.75 -7.56 1.55
CA VAL A 62 -3.04 -6.37 2.04
C VAL A 62 -1.83 -6.08 1.15
N ILE A 63 -1.59 -4.80 0.86
CA ILE A 63 -0.39 -4.33 0.19
C ILE A 63 0.51 -3.72 1.25
N ASP A 64 1.59 -4.47 1.52
CA ASP A 64 2.66 -4.18 2.51
C ASP A 64 2.23 -4.44 3.95
N THR A 65 3.18 -4.94 4.74
CA THR A 65 2.96 -5.24 6.17
C THR A 65 4.06 -4.53 6.95
N GLY A 66 3.90 -3.21 7.15
CA GLY A 66 4.84 -2.42 7.91
C GLY A 66 4.64 -2.61 9.41
N PRO A 67 5.33 -1.79 10.23
CA PRO A 67 5.25 -1.97 11.67
C PRO A 67 3.83 -1.75 12.23
N ASP A 68 3.02 -0.97 11.51
CA ASP A 68 1.66 -0.66 11.92
C ASP A 68 0.60 -1.68 11.51
N PHE A 69 1.03 -2.75 10.84
CA PHE A 69 0.12 -3.75 10.27
C PHE A 69 -0.91 -4.28 11.25
N ARG A 70 -0.47 -4.70 12.44
CA ARG A 70 -1.42 -5.23 13.41
C ARG A 70 -2.55 -4.24 13.77
N MET A 71 -2.20 -3.01 14.11
CA MET A 71 -3.21 -2.01 14.49
CA MET A 71 -3.21 -2.03 14.49
C MET A 71 -4.05 -1.63 13.28
N GLN A 72 -3.42 -1.59 12.11
CA GLN A 72 -4.14 -1.29 10.88
C GLN A 72 -5.23 -2.31 10.66
N MET A 73 -4.90 -3.58 10.80
CA MET A 73 -5.92 -4.63 10.58
C MET A 73 -6.98 -4.63 11.68
N ILE A 74 -6.58 -4.50 12.94
CA ILE A 74 -7.56 -4.42 14.02
C ILE A 74 -8.56 -3.27 13.75
N ASP A 75 -8.05 -2.09 13.45
CA ASP A 75 -8.89 -0.92 13.29
C ASP A 75 -9.75 -1.00 12.03
N SER A 76 -9.32 -1.77 11.04
CA SER A 76 -10.07 -1.95 9.79
C SER A 76 -11.36 -2.72 10.01
N GLY A 77 -11.45 -3.45 11.11
CA GLY A 77 -12.61 -4.30 11.36
C GLY A 77 -12.67 -5.56 10.52
N VAL A 78 -11.66 -5.80 9.68
CA VAL A 78 -11.60 -6.96 8.80
C VAL A 78 -10.70 -7.95 9.50
N HIS A 79 -11.23 -9.16 9.79
CA HIS A 79 -10.59 -10.11 10.71
C HIS A 79 -10.02 -11.34 10.04
N MET A 80 -9.92 -11.32 8.71
CA MET A 80 -9.36 -12.43 7.96
CA MET A 80 -9.34 -12.43 7.98
C MET A 80 -8.48 -11.87 6.85
N LEU A 81 -7.60 -12.71 6.30
CA LEU A 81 -6.67 -12.29 5.27
C LEU A 81 -6.34 -13.47 4.37
N ASP A 82 -6.36 -13.24 3.06
CA ASP A 82 -6.01 -14.25 2.06
C ASP A 82 -4.57 -14.20 1.54
N ALA A 83 -4.00 -13.00 1.47
CA ALA A 83 -2.65 -12.80 0.95
C ALA A 83 -2.08 -11.45 1.31
N ALA A 84 -0.75 -11.37 1.26
CA ALA A 84 0.00 -10.09 1.34
C ALA A 84 0.79 -9.92 0.05
N VAL A 85 0.77 -8.71 -0.47
CA VAL A 85 1.49 -8.32 -1.73
C VAL A 85 2.44 -7.20 -1.33
N TYR A 86 3.68 -7.27 -1.79
CA TYR A 86 4.74 -6.35 -1.37
C TYR A 86 5.21 -5.43 -2.49
N THR A 87 5.42 -4.16 -2.16
CA THR A 87 5.94 -3.18 -3.12
C THR A 87 7.48 -3.20 -3.26
N HIS A 88 8.18 -3.35 -2.13
CA HIS A 88 9.64 -3.22 -2.06
C HIS A 88 10.09 -3.46 -0.60
N PRO A 89 11.37 -3.82 -0.39
CA PRO A 89 11.84 -4.26 0.93
C PRO A 89 12.47 -3.17 1.80
N HIS A 90 11.66 -2.20 2.16
CA HIS A 90 12.07 -1.15 3.08
C HIS A 90 11.29 -1.36 4.36
N ALA A 91 11.95 -1.03 5.47
CA ALA A 91 11.47 -1.22 6.83
C ALA A 91 9.98 -0.91 7.04
N ASP A 92 9.59 0.26 6.55
CA ASP A 92 8.24 0.76 6.76
C ASP A 92 7.17 -0.04 6.01
N HIS A 93 7.60 -0.94 5.13
CA HIS A 93 6.73 -1.78 4.32
C HIS A 93 6.77 -3.27 4.64
N ILE A 94 7.71 -3.70 5.47
CA ILE A 94 7.89 -5.11 5.72
C ILE A 94 8.07 -5.55 7.19
N HIS A 95 8.39 -4.64 8.11
CA HIS A 95 8.80 -5.08 9.44
C HIS A 95 7.66 -5.55 10.36
N GLY A 96 6.42 -5.50 9.88
CA GLY A 96 5.29 -6.12 10.57
C GLY A 96 4.94 -7.50 10.08
N ILE A 97 5.81 -8.09 9.27
CA ILE A 97 5.56 -9.39 8.65
C ILE A 97 5.24 -10.53 9.62
N ASP A 98 5.82 -10.51 10.83
CA ASP A 98 5.63 -11.62 11.78
C ASP A 98 4.15 -11.71 12.15
N ASP A 99 3.47 -10.57 12.11
CA ASP A 99 2.07 -10.53 12.55
C ASP A 99 1.10 -11.24 11.59
N LEU A 100 1.59 -11.70 10.44
CA LEU A 100 0.81 -12.61 9.62
C LEU A 100 0.52 -13.95 10.32
N ARG A 101 1.29 -14.32 11.35
CA ARG A 101 1.19 -15.66 11.97
C ARG A 101 -0.22 -16.05 12.40
N THR A 102 -0.99 -15.13 12.99
CA THR A 102 -2.32 -15.46 13.48
C THR A 102 -3.20 -16.00 12.38
N TYR A 103 -3.14 -15.39 11.20
CA TYR A 103 -3.97 -15.83 10.07
C TYR A 103 -3.62 -17.22 9.56
N VAL A 104 -2.34 -17.59 9.71
CA VAL A 104 -1.89 -18.93 9.28
C VAL A 104 -2.59 -19.97 10.15
N VAL A 105 -2.68 -19.70 11.45
CA VAL A 105 -3.41 -20.56 12.35
C VAL A 105 -4.91 -20.59 11.98
N ASP A 106 -5.53 -19.43 11.77
CA ASP A 106 -6.94 -19.35 11.39
C ASP A 106 -7.27 -20.07 10.09
N ASN A 107 -6.43 -19.89 9.08
CA ASN A 107 -6.68 -20.44 7.75
C ASN A 107 -6.24 -21.90 7.63
N GLY A 108 -5.42 -22.36 8.56
CA GLY A 108 -4.88 -23.73 8.52
C GLY A 108 -3.92 -24.00 7.38
N ARG A 109 -3.33 -22.94 6.85
CA ARG A 109 -2.39 -23.05 5.76
C ARG A 109 -1.48 -21.83 5.75
N LEU A 110 -0.29 -22.02 5.17
CA LEU A 110 0.69 -20.94 5.03
C LEU A 110 0.07 -19.72 4.38
N MET A 111 0.56 -18.55 4.78
CA MET A 111 0.06 -17.28 4.21
C MET A 111 0.74 -17.10 2.88
N ASP A 112 -0.05 -16.96 1.83
CA ASP A 112 0.50 -16.67 0.51
C ASP A 112 0.99 -15.22 0.46
N VAL A 113 2.25 -15.05 0.13
CA VAL A 113 2.83 -13.74 -0.07
C VAL A 113 3.36 -13.60 -1.49
N TYR A 114 3.35 -12.37 -1.98
CA TYR A 114 3.66 -12.07 -3.37
C TYR A 114 4.72 -11.01 -3.42
N ALA A 115 5.83 -11.27 -4.11
CA ALA A 115 6.95 -10.32 -4.14
C ALA A 115 7.81 -10.53 -5.35
N ASN A 116 8.45 -9.45 -5.83
CA ASN A 116 9.43 -9.61 -6.90
C ASN A 116 10.72 -10.23 -6.35
N ARG A 117 11.66 -10.54 -7.23
CA ARG A 117 12.90 -11.21 -6.79
CA ARG A 117 12.90 -11.20 -6.80
C ARG A 117 13.68 -10.37 -5.78
N LEU A 118 13.84 -9.08 -6.05
CA LEU A 118 14.56 -8.18 -5.13
C LEU A 118 13.96 -8.24 -3.71
N THR A 119 12.65 -8.13 -3.62
CA THR A 119 11.93 -8.07 -2.34
C THR A 119 12.03 -9.43 -1.66
N ARG A 120 11.77 -10.48 -2.43
CA ARG A 120 11.78 -11.83 -1.90
C ARG A 120 13.15 -12.18 -1.31
N ASN A 121 14.22 -11.86 -2.05
CA ASN A 121 15.56 -12.20 -1.61
C ASN A 121 15.90 -11.44 -0.31
N ARG A 122 15.48 -10.18 -0.17
CA ARG A 122 15.68 -9.44 1.06
C ARG A 122 14.84 -10.02 2.22
N LEU A 123 13.58 -10.39 1.96
CA LEU A 123 12.77 -11.05 3.00
C LEU A 123 13.38 -12.39 3.49
N TYR A 124 13.94 -13.16 2.57
CA TYR A 124 14.65 -14.40 2.93
C TYR A 124 15.83 -14.15 3.85
N ASP A 125 16.56 -13.06 3.60
CA ASP A 125 17.70 -12.67 4.45
C ASP A 125 17.33 -12.23 5.85
N THR A 126 16.27 -11.46 5.92
CA THR A 126 15.91 -10.73 7.10
C THR A 126 14.96 -11.54 7.93
N PHE A 127 14.09 -12.32 7.26
CA PHE A 127 13.02 -13.02 7.95
C PHE A 127 12.98 -14.49 7.54
N GLY A 128 14.17 -15.09 7.45
CA GLY A 128 14.28 -16.48 7.05
C GLY A 128 13.39 -17.41 7.83
N TYR A 129 13.27 -17.19 9.14
CA TYR A 129 12.48 -18.07 9.99
C TYR A 129 11.00 -18.12 9.59
N CYS A 130 10.53 -17.12 8.82
CA CYS A 130 9.16 -17.15 8.32
C CYS A 130 8.99 -18.15 7.16
N PHE A 131 10.09 -18.52 6.51
CA PHE A 131 10.07 -19.42 5.35
C PHE A 131 10.52 -20.84 5.68
N GLU A 132 11.50 -20.93 6.57
CA GLU A 132 12.20 -22.16 6.89
C GLU A 132 12.62 -22.14 8.36
N THR A 133 12.32 -23.22 9.08
CA THR A 133 12.79 -23.35 10.46
C THR A 133 14.32 -23.39 10.56
N PRO A 134 14.92 -22.43 11.29
CA PRO A 134 16.38 -22.45 11.44
C PRO A 134 16.88 -23.51 12.44
N VAL A 135 18.18 -23.77 12.38
CA VAL A 135 18.82 -24.68 13.34
C VAL A 135 18.47 -24.26 14.77
N GLY A 136 18.08 -25.24 15.59
CA GLY A 136 17.80 -25.02 17.01
C GLY A 136 16.45 -24.43 17.34
N SER A 137 15.53 -24.39 16.35
CA SER A 137 14.17 -23.84 16.56
C SER A 137 13.11 -24.88 16.31
N SER A 138 11.96 -24.69 16.95
CA SER A 138 10.81 -25.53 16.68
C SER A 138 9.67 -24.78 16.00
N TYR A 139 9.89 -23.49 15.72
CA TYR A 139 8.84 -22.69 15.06
C TYR A 139 8.69 -23.08 13.59
N PRO A 140 7.49 -23.57 13.20
CA PRO A 140 7.27 -23.86 11.79
C PRO A 140 7.25 -22.58 10.95
N PRO A 141 7.52 -22.69 9.64
CA PRO A 141 7.37 -21.51 8.80
C PRO A 141 5.92 -21.09 8.71
N ILE A 142 5.70 -19.86 8.28
CA ILE A 142 4.36 -19.30 8.15
C ILE A 142 4.00 -18.76 6.76
N LEU A 143 4.98 -18.64 5.84
CA LEU A 143 4.74 -17.99 4.55
C LEU A 143 4.98 -18.93 3.37
N SER A 144 4.22 -18.70 2.32
CA SER A 144 4.35 -19.39 1.04
C SER A 144 4.54 -18.33 -0.03
N MET A 145 5.71 -18.36 -0.68
CA MET A 145 6.14 -17.30 -1.57
C MET A 145 5.69 -17.51 -3.02
N HIS A 146 5.26 -16.43 -3.65
CA HIS A 146 4.89 -16.42 -5.05
C HIS A 146 5.60 -15.25 -5.74
N ASP A 147 6.19 -15.52 -6.91
CA ASP A 147 6.81 -14.46 -7.69
C ASP A 147 5.81 -13.54 -8.37
N ILE A 148 6.13 -12.26 -8.34
CA ILE A 148 5.50 -11.30 -9.21
C ILE A 148 6.55 -10.43 -9.91
N ALA A 149 6.13 -9.83 -11.00
CA ALA A 149 7.05 -9.07 -11.85
C ALA A 149 6.27 -8.06 -12.66
N PRO A 150 6.88 -6.91 -12.95
CA PRO A 150 6.21 -5.88 -13.72
C PRO A 150 5.63 -6.43 -15.04
N GLU A 151 4.45 -5.96 -15.38
CA GLU A 151 3.79 -6.30 -16.64
C GLU A 151 3.26 -7.73 -16.75
N THR A 152 3.21 -8.45 -15.63
CA THR A 152 2.65 -9.79 -15.57
C THR A 152 1.49 -9.77 -14.57
N PRO A 153 0.26 -9.70 -15.08
CA PRO A 153 -0.84 -9.73 -14.13
C PRO A 153 -0.89 -11.03 -13.29
N PHE A 154 -1.42 -10.92 -12.08
CA PHE A 154 -1.64 -12.10 -11.24
C PHE A 154 -2.94 -11.93 -10.47
N SER A 155 -3.54 -13.06 -10.13
CA SER A 155 -4.81 -13.03 -9.45
C SER A 155 -4.72 -13.79 -8.12
N ILE A 156 -5.38 -13.24 -7.13
CA ILE A 156 -5.51 -13.90 -5.83
C ILE A 156 -6.93 -14.38 -5.64
N GLU A 157 -7.11 -15.66 -5.29
CA GLU A 157 -8.45 -16.24 -5.11
C GLU A 157 -8.89 -16.15 -3.64
N GLY A 158 -10.21 -16.14 -3.44
CA GLY A 158 -10.79 -16.15 -2.12
C GLY A 158 -12.30 -16.22 -2.14
N ALA A 159 -12.90 -16.10 -0.96
CA ALA A 159 -14.32 -16.31 -0.78
C ALA A 159 -15.17 -15.34 -1.58
N GLY A 160 -14.66 -14.12 -1.80
CA GLY A 160 -15.38 -13.10 -2.58
C GLY A 160 -15.14 -13.13 -4.10
N GLY A 161 -14.34 -14.09 -4.56
CA GLY A 161 -13.93 -14.17 -5.95
C GLY A 161 -12.53 -13.60 -6.10
N ALA A 162 -12.00 -13.70 -7.31
CA ALA A 162 -10.61 -13.35 -7.57
C ALA A 162 -10.38 -11.84 -7.61
N ILE A 163 -9.20 -11.43 -7.14
CA ILE A 163 -8.78 -10.04 -7.28
C ILE A 163 -7.56 -10.05 -8.19
N ARG A 164 -7.67 -9.36 -9.31
CA ARG A 164 -6.59 -9.32 -10.31
C ARG A 164 -5.78 -8.04 -10.16
N PHE A 165 -4.46 -8.24 -10.01
CA PHE A 165 -3.49 -7.20 -9.87
C PHE A 165 -2.67 -7.09 -11.15
N GLU A 166 -2.40 -5.87 -11.58
CA GLU A 166 -1.49 -5.55 -12.68
C GLU A 166 -0.29 -4.78 -12.14
N PRO A 167 0.81 -5.50 -11.88
CA PRO A 167 2.02 -4.86 -11.32
C PRO A 167 2.81 -4.15 -12.43
N PHE A 168 3.54 -3.12 -12.04
CA PHE A 168 4.39 -2.39 -12.96
C PHE A 168 5.55 -1.77 -12.21
N SER A 169 6.60 -1.44 -12.97
CA SER A 169 7.83 -0.91 -12.42
C SER A 169 7.75 0.58 -12.06
N GLN A 170 8.37 0.93 -10.95
CA GLN A 170 8.54 2.31 -10.54
C GLN A 170 10.00 2.50 -10.14
N VAL A 171 10.56 3.66 -10.45
CA VAL A 171 11.86 4.05 -9.92
C VAL A 171 11.66 4.61 -8.52
N HIS A 172 12.47 4.16 -7.57
CA HIS A 172 12.40 4.59 -6.17
C HIS A 172 13.81 4.93 -5.72
N GLY A 173 14.33 6.09 -6.14
CA GLY A 173 15.72 6.42 -5.86
C GLY A 173 16.63 5.41 -6.52
N ASP A 174 17.41 4.72 -5.69
CA ASP A 174 18.43 3.78 -6.15
C ASP A 174 17.90 2.36 -6.38
N ILE A 175 16.64 2.10 -6.00
CA ILE A 175 16.03 0.80 -6.27
C ILE A 175 14.72 0.89 -7.05
N GLU A 176 14.16 -0.25 -7.39
CA GLU A 176 12.86 -0.36 -8.05
C GLU A 176 11.81 -0.71 -6.99
N SER A 177 10.64 -0.07 -7.07
CA SER A 177 9.47 -0.52 -6.33
C SER A 177 8.38 -0.90 -7.31
N LEU A 178 7.37 -1.63 -6.85
CA LEU A 178 6.23 -1.95 -7.67
C LEU A 178 5.00 -1.07 -7.35
N GLY A 179 4.31 -0.67 -8.40
CA GLY A 179 2.94 -0.17 -8.30
C GLY A 179 1.97 -1.20 -8.82
N PHE A 180 0.70 -1.01 -8.52
CA PHE A 180 -0.33 -1.99 -8.90
C PHE A 180 -1.59 -1.30 -9.34
N ARG A 181 -2.18 -1.80 -10.43
CA ARG A 181 -3.54 -1.46 -10.79
CA ARG A 181 -3.55 -1.45 -10.79
C ARG A 181 -4.46 -2.60 -10.40
N ILE A 182 -5.56 -2.27 -9.75
CA ILE A 182 -6.61 -3.23 -9.39
C ILE A 182 -7.92 -2.67 -9.93
N GLY A 183 -8.32 -3.16 -11.10
CA GLY A 183 -9.49 -2.62 -11.78
C GLY A 183 -9.16 -1.24 -12.32
N SER A 184 -9.86 -0.23 -11.80
CA SER A 184 -9.50 1.15 -12.19
CA SER A 184 -9.75 1.17 -12.10
C SER A 184 -9.03 1.97 -10.99
N VAL A 185 -8.47 1.26 -10.00
CA VAL A 185 -7.81 1.89 -8.87
C VAL A 185 -6.32 1.54 -8.97
N VAL A 186 -5.47 2.56 -8.85
CA VAL A 186 -4.01 2.42 -9.00
C VAL A 186 -3.30 2.90 -7.73
N TYR A 187 -2.33 2.13 -7.29
CA TYR A 187 -1.57 2.36 -6.06
C TYR A 187 -0.08 2.51 -6.37
N CYS A 188 0.41 3.73 -6.19
CA CYS A 188 1.78 4.12 -6.54
C CYS A 188 2.45 4.82 -5.35
N THR A 189 3.01 4.03 -4.45
CA THR A 189 3.82 4.56 -3.32
C THR A 189 5.31 4.32 -3.57
N ASP A 190 6.14 5.14 -2.94
CA ASP A 190 7.58 4.99 -2.99
C ASP A 190 8.09 5.02 -4.42
N VAL A 191 7.82 6.13 -5.06
CA VAL A 191 8.16 6.32 -6.46
C VAL A 191 8.71 7.73 -6.70
N SER A 192 9.85 7.79 -7.36
CA SER A 192 10.48 9.04 -7.74
C SER A 192 10.44 9.30 -9.25
N ALA A 193 10.10 8.28 -10.03
CA ALA A 193 9.92 8.40 -11.50
C ALA A 193 9.16 7.22 -12.04
N PHE A 194 8.40 7.46 -13.10
CA PHE A 194 7.69 6.39 -13.78
C PHE A 194 8.39 6.08 -15.08
N PRO A 195 8.82 4.83 -15.28
CA PRO A 195 9.33 4.37 -16.57
C PRO A 195 8.28 4.45 -17.67
N GLU A 196 8.70 4.69 -18.91
CA GLU A 196 7.74 4.81 -20.03
C GLU A 196 6.76 3.65 -20.15
N GLN A 197 7.25 2.42 -19.97
CA GLN A 197 6.43 1.22 -20.12
C GLN A 197 5.34 1.07 -19.05
N SER A 198 5.47 1.80 -17.95
CA SER A 198 4.49 1.73 -16.84
C SER A 198 3.30 2.65 -17.04
N LEU A 199 3.38 3.59 -18.00
CA LEU A 199 2.34 4.60 -18.15
C LEU A 199 0.96 4.05 -18.45
N GLN A 200 0.90 2.98 -19.24
CA GLN A 200 -0.38 2.39 -19.59
C GLN A 200 -1.18 1.94 -18.37
N TYR A 201 -0.49 1.59 -17.28
CA TYR A 201 -1.17 1.09 -16.09
C TYR A 201 -1.70 2.20 -15.20
N ILE A 202 -1.14 3.40 -15.36
CA ILE A 202 -1.36 4.52 -14.44
CA ILE A 202 -1.41 4.50 -14.43
C ILE A 202 -2.31 5.57 -15.03
N LYS A 203 -2.44 5.61 -16.34
CA LYS A 203 -3.34 6.58 -16.96
C LYS A 203 -4.83 6.18 -16.84
N ASP A 204 -5.67 7.20 -16.86
CA ASP A 204 -7.14 7.06 -16.88
C ASP A 204 -7.70 6.23 -15.73
N ALA A 205 -7.11 6.37 -14.53
CA ALA A 205 -7.61 5.64 -13.37
C ALA A 205 -8.86 6.34 -12.85
N ASP A 206 -9.80 5.57 -12.33
CA ASP A 206 -10.90 6.15 -11.55
C ASP A 206 -10.35 6.78 -10.26
N VAL A 207 -9.42 6.08 -9.62
CA VAL A 207 -8.76 6.58 -8.40
C VAL A 207 -7.27 6.28 -8.50
N LEU A 208 -6.45 7.33 -8.46
CA LEU A 208 -4.98 7.19 -8.44
C LEU A 208 -4.49 7.54 -7.05
N ILE A 209 -3.92 6.55 -6.35
CA ILE A 209 -3.32 6.78 -5.02
C ILE A 209 -1.83 6.87 -5.27
N ILE A 210 -1.27 8.05 -5.00
CA ILE A 210 0.09 8.38 -5.46
C ILE A 210 0.87 9.05 -4.34
N GLY A 211 2.10 8.60 -4.14
CA GLY A 211 2.94 9.17 -3.10
C GLY A 211 3.39 10.59 -3.41
N ALA A 212 3.26 11.45 -2.40
CA ALA A 212 3.79 12.81 -2.38
C ALA A 212 4.39 13.02 -0.99
N LEU A 213 5.71 13.04 -0.91
CA LEU A 213 6.38 13.01 0.39
C LEU A 213 6.30 14.36 1.12
N GLN A 214 6.68 15.42 0.41
CA GLN A 214 6.88 16.73 1.04
C GLN A 214 6.93 17.79 -0.08
N TYR A 215 7.22 19.05 0.27
CA TYR A 215 7.25 20.10 -0.75
C TYR A 215 8.59 20.14 -1.48
N ARG A 216 9.67 19.93 -0.73
CA ARG A 216 11.02 20.00 -1.27
C ARG A 216 11.39 18.71 -1.97
N PRO A 217 12.29 18.78 -2.97
CA PRO A 217 12.72 17.54 -3.66
C PRO A 217 13.35 16.53 -2.71
N HIS A 218 13.23 15.26 -3.08
CA HIS A 218 13.80 14.17 -2.32
C HIS A 218 14.21 13.13 -3.33
N PRO A 219 15.34 12.46 -3.11
CA PRO A 219 15.79 11.56 -4.18
C PRO A 219 14.93 10.34 -4.45
N SER A 220 14.12 9.94 -3.50
CA SER A 220 13.39 8.67 -3.54
CA SER A 220 13.39 8.68 -3.70
C SER A 220 11.88 8.80 -3.71
N HIS A 221 11.36 10.03 -3.62
CA HIS A 221 9.92 10.26 -3.72
C HIS A 221 9.58 11.52 -4.46
N PHE A 222 8.44 11.52 -5.11
CA PHE A 222 7.85 12.75 -5.66
C PHE A 222 7.59 13.77 -4.55
N SER A 223 7.94 15.02 -4.85
CA SER A 223 7.40 16.13 -4.11
C SER A 223 5.94 16.33 -4.45
N LEU A 224 5.24 17.14 -3.66
CA LEU A 224 3.86 17.47 -3.97
C LEU A 224 3.75 18.02 -5.39
N GLY A 225 4.63 18.94 -5.78
CA GLY A 225 4.55 19.54 -7.12
C GLY A 225 4.71 18.50 -8.22
N GLU A 226 5.63 17.58 -8.03
CA GLU A 226 5.86 16.51 -9.00
C GLU A 226 4.67 15.56 -9.09
N ALA A 227 4.10 15.22 -7.94
CA ALA A 227 2.88 14.40 -7.93
C ALA A 227 1.73 15.06 -8.69
N LEU A 228 1.52 16.35 -8.44
CA LEU A 228 0.48 17.11 -9.13
C LEU A 228 0.75 17.15 -10.65
N GLU A 229 2.01 17.29 -11.06
CA GLU A 229 2.38 17.29 -12.48
CA GLU A 229 2.37 17.30 -12.47
C GLU A 229 1.94 15.98 -13.10
N TRP A 230 2.28 14.88 -12.43
CA TRP A 230 1.87 13.57 -12.90
C TRP A 230 0.34 13.39 -12.95
N ILE A 231 -0.37 13.89 -11.94
CA ILE A 231 -1.83 13.82 -11.91
C ILE A 231 -2.42 14.55 -13.12
N GLU A 232 -1.87 15.73 -13.44
CA GLU A 232 -2.35 16.49 -14.61
C GLU A 232 -2.18 15.67 -15.90
N LYS A 233 -1.04 14.99 -16.03
CA LYS A 233 -0.73 14.17 -17.21
C LYS A 233 -1.56 12.90 -17.33
N LEU A 234 -1.87 12.27 -16.19
CA LEU A 234 -2.53 10.95 -16.14
C LEU A 234 -4.06 11.00 -16.04
N SER A 235 -4.61 12.17 -15.76
CA SER A 235 -6.05 12.41 -15.74
C SER A 235 -6.88 11.40 -14.95
N PRO A 236 -6.48 11.10 -13.72
CA PRO A 236 -7.36 10.27 -12.92
C PRO A 236 -8.63 11.04 -12.59
N LYS A 237 -9.74 10.33 -12.42
CA LYS A 237 -10.98 10.99 -12.01
C LYS A 237 -10.85 11.62 -10.62
N ARG A 238 -10.18 10.89 -9.71
CA ARG A 238 -9.87 11.32 -8.36
C ARG A 238 -8.44 10.86 -8.07
N ALA A 239 -7.69 11.67 -7.35
CA ALA A 239 -6.38 11.29 -6.84
C ALA A 239 -6.34 11.44 -5.33
N ILE A 240 -5.62 10.54 -4.67
CA ILE A 240 -5.42 10.57 -3.22
C ILE A 240 -3.93 10.51 -2.95
N LEU A 241 -3.40 11.49 -2.23
CA LEU A 241 -1.98 11.51 -1.94
C LEU A 241 -1.65 10.62 -0.75
N THR A 242 -0.52 9.90 -0.82
CA THR A 242 -0.08 9.06 0.27
C THR A 242 1.41 9.19 0.54
N HIS A 243 1.90 8.44 1.53
CA HIS A 243 3.30 8.47 1.97
C HIS A 243 3.76 9.88 2.27
N MET A 244 2.86 10.63 2.95
CA MET A 244 3.05 12.05 3.26
C MET A 244 3.79 12.24 4.57
N HIS A 245 4.88 13.04 4.49
CA HIS A 245 5.76 13.31 5.60
C HIS A 245 5.28 14.52 6.42
N VAL A 246 5.98 14.80 7.51
CA VAL A 246 5.57 15.85 8.45
C VAL A 246 5.48 17.30 7.89
N PRO A 247 6.08 17.60 6.71
CA PRO A 247 5.81 18.96 6.19
C PRO A 247 4.43 19.16 5.61
N LEU A 248 3.71 18.07 5.37
CA LEU A 248 2.43 18.12 4.65
C LEU A 248 1.26 18.00 5.63
N ASP A 249 0.64 19.14 5.94
CA ASP A 249 -0.53 19.23 6.83
C ASP A 249 -1.84 19.00 6.03
N TYR A 250 -2.76 18.19 6.58
CA TYR A 250 -3.95 17.80 5.85
C TYR A 250 -4.76 18.96 5.28
N GLU A 251 -5.16 19.89 6.15
CA GLU A 251 -5.98 21.02 5.71
CA GLU A 251 -5.97 21.03 5.72
C GLU A 251 -5.24 21.85 4.67
N THR A 252 -3.96 22.10 4.93
CA THR A 252 -3.14 22.91 4.03
C THR A 252 -3.05 22.29 2.63
N VAL A 253 -2.74 21.00 2.57
CA VAL A 253 -2.59 20.30 1.28
C VAL A 253 -3.97 20.21 0.56
N MET A 254 -5.04 20.03 1.32
CA MET A 254 -6.37 20.03 0.75
CA MET A 254 -6.39 20.04 0.75
C MET A 254 -6.61 21.33 -0.05
N ARG A 255 -6.28 22.47 0.55
CA ARG A 255 -6.43 23.79 -0.12
C ARG A 255 -5.57 23.98 -1.36
N GLU A 256 -4.36 23.45 -1.29
CA GLU A 256 -3.30 23.66 -2.31
C GLU A 256 -3.43 22.81 -3.53
N THR A 257 -4.41 21.93 -3.55
CA THR A 257 -4.48 20.96 -4.60
C THR A 257 -5.84 21.11 -5.29
N PRO A 258 -5.94 20.69 -6.56
CA PRO A 258 -7.21 20.71 -7.31
C PRO A 258 -8.36 19.98 -6.62
N HIS A 259 -9.60 20.28 -7.01
CA HIS A 259 -10.74 19.68 -6.36
C HIS A 259 -10.78 18.15 -6.40
N HIS A 260 -10.24 17.55 -7.45
CA HIS A 260 -10.33 16.10 -7.62
C HIS A 260 -9.13 15.42 -6.97
N VAL A 261 -8.31 16.19 -6.27
CA VAL A 261 -7.11 15.70 -5.60
C VAL A 261 -7.21 15.94 -4.10
N GLU A 262 -6.92 14.93 -3.27
CA GLU A 262 -6.91 15.14 -1.80
C GLU A 262 -5.79 14.40 -1.12
N PRO A 263 -5.22 15.00 -0.06
CA PRO A 263 -4.38 14.18 0.82
C PRO A 263 -5.18 13.03 1.43
N GLY A 264 -4.56 11.87 1.54
CA GLY A 264 -5.20 10.75 2.20
C GLY A 264 -5.24 10.97 3.71
N TYR A 265 -5.90 10.03 4.38
CA TYR A 265 -5.85 9.93 5.83
C TYR A 265 -6.06 8.46 6.17
N ASP A 266 -5.51 8.05 7.31
CA ASP A 266 -5.62 6.66 7.76
C ASP A 266 -7.10 6.31 7.98
N GLY A 267 -7.52 5.18 7.42
CA GLY A 267 -8.92 4.77 7.50
C GLY A 267 -9.79 5.23 6.34
N LEU A 268 -9.26 6.08 5.47
CA LEU A 268 -9.97 6.50 4.25
C LEU A 268 -10.43 5.26 3.48
N ARG A 269 -11.73 5.17 3.18
CA ARG A 269 -12.31 3.93 2.67
C ARG A 269 -13.33 4.21 1.57
N PHE A 270 -13.28 3.45 0.48
CA PHE A 270 -14.24 3.61 -0.60
C PHE A 270 -14.48 2.29 -1.32
N GLU A 271 -15.67 2.21 -1.91
CA GLU A 271 -16.08 1.06 -2.71
C GLU A 271 -16.19 1.46 -4.17
N VAL A 272 -15.88 0.51 -5.05
CA VAL A 272 -16.08 0.70 -6.48
C VAL A 272 -16.72 -0.54 -7.07
N ALA A 273 -17.38 -0.36 -8.20
CA ALA A 273 -17.94 -1.48 -8.94
C ALA A 273 -16.86 -2.43 -9.42
N VAL A 274 -17.19 -3.71 -9.41
CA VAL A 274 -16.37 -4.73 -10.04
C VAL A 274 -16.69 -4.68 -11.55
#